data_1DRR
#
_entry.id   1DRR
#
_cell.length_a   1.000
_cell.length_b   1.000
_cell.length_c   1.000
_cell.angle_alpha   90.00
_cell.angle_beta   90.00
_cell.angle_gamma   90.00
#
_symmetry.space_group_name_H-M   'P 1'
#
loop_
_entity.id
_entity.type
_entity.pdbx_description
1 polymer "DNA (5'-D(*GP*AP*AP*GP*AP*GP*AP*AP*GP*C)-3')"
2 polymer "RNA (5'-R(*GP*CP*UP*UP*CP*UP*CP*UP*UP*C)-3')"
#
loop_
_entity_poly.entity_id
_entity_poly.type
_entity_poly.pdbx_seq_one_letter_code
_entity_poly.pdbx_strand_id
1 'polydeoxyribonucleotide' (DG)(DA)(DA)(DG)(DA)(DG)(DA)(DA)(DG)(DC) A
2 'polyribonucleotide' GCUUCUCUUC B
#
loop_
_chem_comp.id
_chem_comp.type
_chem_comp.name
_chem_comp.formula
C RNA linking CYTIDINE-5'-MONOPHOSPHATE 'C9 H14 N3 O8 P'
DA DNA linking 2'-DEOXYADENOSINE-5'-MONOPHOSPHATE 'C10 H14 N5 O6 P'
DC DNA linking 2'-DEOXYCYTIDINE-5'-MONOPHOSPHATE 'C9 H14 N3 O7 P'
DG DNA linking 2'-DEOXYGUANOSINE-5'-MONOPHOSPHATE 'C10 H14 N5 O7 P'
G RNA linking GUANOSINE-5'-MONOPHOSPHATE 'C10 H14 N5 O8 P'
U RNA linking URIDINE-5'-MONOPHOSPHATE 'C9 H13 N2 O9 P'
#